data_3GX1
#
_entry.id   3GX1
#
_cell.length_a   152.852
_cell.length_b   152.852
_cell.length_c   45.236
_cell.angle_alpha   90.00
_cell.angle_beta   90.00
_cell.angle_gamma   90.00
#
_symmetry.space_group_name_H-M   'P 41 21 2'
#
loop_
_entity.id
_entity.type
_entity.pdbx_description
1 polymer 'Lin1832 protein'
2 non-polymer 'SULFATE ION'
3 water water
#
_entity_poly.entity_id   1
_entity_poly.type   'polypeptide(L)'
_entity_poly.pdbx_seq_one_letter_code
;SNAQVEVIV(MSE)(MSE)HGRSTATS(MSE)VETVQELLSIESGIALD(MSE)PLTVEVKA(MSE)YEKLKQTVVKLNP
VKGVLILSD(MSE)GSLTSFGNILTEELGIRTKTVT(MSE)VSTPVVLEA(MSE)RKASLGRGLEDIYQSCEQLFENKYK
AH
;
_entity_poly.pdbx_strand_id   A,B
#
# COMPACT_ATOMS: atom_id res chain seq x y z
N SER A 1 22.23 -18.56 1.94
CA SER A 1 21.90 -19.84 1.27
C SER A 1 20.97 -19.52 0.10
N ASN A 2 21.42 -18.61 -0.77
CA ASN A 2 20.51 -17.98 -1.76
C ASN A 2 20.37 -18.42 -3.25
N ALA A 3 19.20 -19.03 -3.46
CA ALA A 3 18.51 -19.18 -4.73
C ALA A 3 17.43 -18.11 -4.96
N GLN A 4 17.31 -17.13 -4.05
CA GLN A 4 16.28 -16.11 -4.19
C GLN A 4 16.70 -14.65 -4.04
N VAL A 5 15.98 -13.78 -4.74
CA VAL A 5 16.02 -12.36 -4.52
C VAL A 5 15.34 -12.17 -3.19
N GLU A 6 15.94 -11.35 -2.33
CA GLU A 6 15.31 -10.99 -1.08
C GLU A 6 14.39 -9.79 -1.30
N VAL A 7 13.14 -9.88 -0.83
CA VAL A 7 12.14 -8.85 -0.99
C VAL A 7 11.89 -8.21 0.35
N ILE A 8 12.15 -6.91 0.40
CA ILE A 8 11.97 -6.10 1.61
C ILE A 8 10.95 -5.01 1.33
N VAL A 9 9.99 -4.94 2.23
CA VAL A 9 8.91 -4.02 2.11
C VAL A 9 9.07 -3.04 3.24
N HIS A 12 5.94 3.73 5.65
CA HIS A 12 5.67 4.67 6.76
C HIS A 12 4.54 4.09 7.57
N GLY A 13 4.53 4.37 8.86
CA GLY A 13 3.46 3.89 9.70
C GLY A 13 3.89 2.71 10.52
N ARG A 14 3.04 2.34 11.47
CA ARG A 14 3.35 1.27 12.41
C ARG A 14 3.30 -0.15 11.85
N SER A 15 2.42 -0.47 10.89
CA SER A 15 2.26 -1.86 10.47
C SER A 15 1.87 -2.04 9.01
N THR A 16 2.16 -1.06 8.20
CA THR A 16 1.69 -1.19 6.86
C THR A 16 2.40 -2.34 6.18
N ALA A 17 3.72 -2.32 6.29
CA ALA A 17 4.59 -3.32 5.67
C ALA A 17 4.38 -4.71 6.28
N THR A 18 4.29 -4.79 7.59
CA THR A 18 4.09 -6.05 8.29
C THR A 18 2.80 -6.70 7.88
N SER A 19 1.71 -5.92 7.84
CA SER A 19 0.39 -6.47 7.53
C SER A 19 0.37 -6.95 6.08
N VAL A 21 3.02 -7.94 4.17
CA VAL A 21 3.82 -9.16 4.13
C VAL A 21 3.04 -10.33 4.81
N GLU A 22 2.55 -10.15 6.03
CA GLU A 22 1.87 -11.27 6.71
C GLU A 22 0.71 -11.80 5.87
N THR A 23 0.08 -10.92 5.09
CA THR A 23 -0.99 -11.28 4.18
C THR A 23 -0.54 -12.05 2.91
N VAL A 24 0.51 -11.58 2.24
CA VAL A 24 1.03 -12.28 1.07
C VAL A 24 1.60 -13.64 1.51
N GLN A 25 2.17 -13.68 2.70
CA GLN A 25 2.68 -14.95 3.19
C GLN A 25 1.61 -16.01 3.36
N GLU A 26 0.43 -15.63 3.83
CA GLU A 26 -0.67 -16.56 3.99
C GLU A 26 -1.26 -16.92 2.62
N LEU A 27 -1.41 -15.94 1.73
CA LEU A 27 -1.94 -16.24 0.41
C LEU A 27 -1.06 -17.23 -0.38
N LEU A 28 0.26 -17.15 -0.24
CA LEU A 28 1.13 -17.99 -1.02
C LEU A 28 1.64 -19.20 -0.25
N SER A 29 1.37 -19.23 1.05
CA SER A 29 1.97 -20.23 1.96
C SER A 29 3.51 -20.25 1.85
N ILE A 30 4.12 -19.07 1.91
CA ILE A 30 5.57 -18.90 1.92
C ILE A 30 6.03 -18.10 3.16
N GLU A 31 7.30 -18.27 3.53
CA GLU A 31 7.90 -17.67 4.74
C GLU A 31 8.96 -16.60 4.44
N SER A 32 9.27 -16.42 3.16
CA SER A 32 10.16 -15.37 2.72
C SER A 32 9.51 -13.97 2.81
N GLY A 33 10.26 -12.93 2.41
CA GLY A 33 9.82 -11.54 2.47
C GLY A 33 10.02 -10.92 3.85
N ILE A 34 10.49 -9.68 3.89
CA ILE A 34 10.77 -8.99 5.15
C ILE A 34 10.03 -7.66 5.21
N ALA A 35 9.46 -7.37 6.36
CA ALA A 35 8.77 -6.11 6.60
C ALA A 35 9.59 -5.20 7.50
N LEU A 36 9.81 -3.97 7.06
CA LEU A 36 10.36 -2.94 7.95
C LEU A 36 9.40 -1.77 7.94
N ASP A 37 8.77 -1.55 9.08
CA ASP A 37 7.89 -0.39 9.28
C ASP A 37 8.65 0.78 9.89
N PRO A 39 7.47 3.96 11.79
CA PRO A 39 6.55 4.92 12.34
C PRO A 39 7.23 6.29 12.41
N LEU A 40 6.45 7.33 12.69
CA LEU A 40 7.00 8.69 12.70
C LEU A 40 7.92 8.98 13.91
N THR A 41 8.08 7.99 14.78
CA THR A 41 8.95 8.09 15.97
C THR A 41 10.39 7.65 15.65
N VAL A 42 10.54 6.76 14.68
CA VAL A 42 11.81 6.26 14.18
C VAL A 42 12.35 7.24 13.13
N GLU A 43 13.62 7.64 13.29
CA GLU A 43 14.29 8.53 12.34
C GLU A 43 14.68 7.84 11.03
N VAL A 44 14.82 8.63 9.97
CA VAL A 44 15.29 8.17 8.67
C VAL A 44 16.68 7.51 8.82
N LYS A 45 17.52 8.10 9.68
CA LYS A 45 18.84 7.56 10.01
C LYS A 45 18.71 6.14 10.52
N ALA A 46 18.01 5.99 11.64
CA ALA A 46 17.88 4.73 12.37
C ALA A 46 17.31 3.61 11.50
N TYR A 48 17.46 3.49 8.06
CA TYR A 48 18.48 3.07 7.13
C TYR A 48 19.47 2.11 7.80
N GLU A 49 19.86 2.41 9.04
CA GLU A 49 20.69 1.50 9.84
C GLU A 49 20.06 0.12 9.94
N LYS A 50 18.75 0.09 10.21
CA LYS A 50 17.99 -1.17 10.31
C LYS A 50 17.96 -1.90 8.96
N LEU A 51 17.82 -1.17 7.87
CA LEU A 51 17.84 -1.81 6.57
C LEU A 51 19.17 -2.57 6.35
N LYS A 52 20.26 -1.88 6.66
CA LYS A 52 21.62 -2.39 6.65
C LYS A 52 21.81 -3.67 7.46
N GLN A 53 21.46 -3.63 8.75
CA GLN A 53 21.59 -4.84 9.56
C GLN A 53 20.81 -5.97 8.94
N THR A 54 19.64 -5.64 8.38
CA THR A 54 18.69 -6.63 7.93
C THR A 54 19.22 -7.43 6.76
N VAL A 55 19.57 -6.70 5.72
CA VAL A 55 20.07 -7.24 4.46
C VAL A 55 21.25 -8.16 4.70
N VAL A 56 22.14 -7.68 5.54
CA VAL A 56 23.41 -8.34 5.79
C VAL A 56 23.21 -9.77 6.30
N LYS A 57 22.04 -10.05 6.87
CA LYS A 57 21.76 -11.37 7.46
C LYS A 57 21.02 -12.31 6.52
N LEU A 58 20.65 -11.80 5.36
CA LEU A 58 19.82 -12.51 4.41
C LEU A 58 20.57 -13.18 3.27
N ASN A 59 21.87 -12.94 3.16
CA ASN A 59 22.68 -13.44 2.05
C ASN A 59 22.15 -13.11 0.66
N PRO A 60 22.18 -11.83 0.29
CA PRO A 60 21.55 -11.32 -0.94
C PRO A 60 22.39 -11.56 -2.21
N VAL A 61 22.77 -12.80 -2.45
CA VAL A 61 23.53 -13.14 -3.65
C VAL A 61 22.81 -12.71 -4.93
N LYS A 62 21.51 -12.91 -4.95
CA LYS A 62 20.67 -12.63 -6.11
C LYS A 62 20.12 -11.19 -6.09
N GLY A 63 20.49 -10.41 -5.07
CA GLY A 63 20.09 -9.01 -4.98
C GLY A 63 18.96 -8.79 -4.01
N VAL A 64 18.61 -7.53 -3.81
CA VAL A 64 17.48 -7.18 -2.96
C VAL A 64 16.52 -6.28 -3.72
N LEU A 65 15.23 -6.61 -3.65
CA LEU A 65 14.17 -5.78 -4.15
C LEU A 65 13.49 -5.12 -2.97
N ILE A 66 13.58 -3.81 -2.98
CA ILE A 66 12.94 -2.96 -2.00
C ILE A 66 11.57 -2.47 -2.50
N LEU A 67 10.52 -2.78 -1.74
CA LEU A 67 9.20 -2.25 -2.02
C LEU A 67 8.84 -1.18 -1.01
N SER A 68 8.66 0.03 -1.52
CA SER A 68 8.54 1.21 -0.66
C SER A 68 7.33 2.04 -1.08
N ASP A 69 6.97 3.02 -0.29
CA ASP A 69 5.85 3.87 -0.66
C ASP A 69 6.26 5.21 -1.20
N GLY A 71 8.80 9.09 -0.19
CA GLY A 71 9.77 9.82 0.60
C GLY A 71 11.13 9.19 0.58
N SER A 72 11.82 9.31 1.71
CA SER A 72 13.22 8.91 1.84
C SER A 72 13.40 7.42 1.61
N LEU A 73 12.42 6.63 2.03
CA LEU A 73 12.45 5.17 1.87
C LEU A 73 12.73 4.80 0.41
N THR A 74 12.33 5.70 -0.46
CA THR A 74 12.41 5.54 -1.89
C THR A 74 13.83 5.51 -2.44
N SER A 75 14.77 6.10 -1.71
CA SER A 75 16.13 6.26 -2.20
C SER A 75 17.17 5.39 -1.48
N PHE A 76 16.76 4.78 -0.36
CA PHE A 76 17.60 3.85 0.43
C PHE A 76 18.39 2.84 -0.41
N GLY A 77 17.72 2.14 -1.32
CA GLY A 77 18.34 1.06 -2.08
C GLY A 77 19.59 1.54 -2.80
N ASN A 78 19.47 2.64 -3.52
CA ASN A 78 20.59 3.16 -4.28
C ASN A 78 21.75 3.52 -3.36
N ILE A 79 21.41 4.11 -2.21
CA ILE A 79 22.38 4.45 -1.18
C ILE A 79 23.07 3.16 -0.68
N LEU A 80 22.27 2.11 -0.46
CA LEU A 80 22.80 0.80 -0.08
C LEU A 80 23.70 0.15 -1.13
N THR A 81 23.26 0.09 -2.39
CA THR A 81 24.10 -0.46 -3.45
C THR A 81 25.46 0.25 -3.45
N GLU A 82 25.39 1.59 -3.35
CA GLU A 82 26.55 2.48 -3.17
C GLU A 82 27.45 2.02 -2.01
N GLU A 83 26.89 1.99 -0.80
CA GLU A 83 27.68 1.77 0.41
C GLU A 83 28.17 0.34 0.51
N LEU A 84 27.36 -0.62 0.09
CA LEU A 84 27.65 -2.03 0.42
C LEU A 84 27.95 -2.94 -0.76
N GLY A 85 27.72 -2.46 -1.98
CA GLY A 85 27.99 -3.21 -3.20
C GLY A 85 26.96 -4.26 -3.55
N ILE A 86 25.83 -4.25 -2.84
CA ILE A 86 24.76 -5.22 -3.02
C ILE A 86 23.74 -4.75 -4.06
N ARG A 87 23.49 -5.56 -5.08
CA ARG A 87 22.59 -5.18 -6.19
C ARG A 87 21.20 -4.93 -5.68
N THR A 88 20.62 -3.84 -6.12
CA THR A 88 19.38 -3.37 -5.56
C THR A 88 18.44 -2.80 -6.62
N LYS A 89 17.15 -3.03 -6.42
CA LYS A 89 16.11 -2.32 -7.19
C LYS A 89 15.07 -1.84 -6.23
N THR A 90 14.52 -0.66 -6.53
CA THR A 90 13.41 -0.14 -5.68
C THR A 90 12.13 0.07 -6.49
N VAL A 91 11.00 -0.30 -5.92
CA VAL A 91 9.71 0.10 -6.42
C VAL A 91 9.03 1.00 -5.41
N THR A 92 8.34 2.02 -5.90
CA THR A 92 7.68 2.99 -5.04
C THR A 92 6.14 2.88 -5.22
N VAL A 94 4.02 1.26 -3.53
CA VAL A 94 3.68 -0.15 -3.44
C VAL A 94 2.36 -0.41 -2.71
N SER A 95 1.59 -1.38 -3.22
CA SER A 95 0.41 -1.90 -2.52
C SER A 95 0.40 -3.41 -2.56
N THR A 96 -0.51 -3.97 -1.78
CA THR A 96 -0.69 -5.42 -1.71
C THR A 96 -0.52 -6.24 -3.03
N PRO A 97 -1.17 -5.85 -4.14
CA PRO A 97 -0.92 -6.73 -5.29
C PRO A 97 0.55 -6.73 -5.73
N VAL A 98 1.24 -5.64 -5.54
CA VAL A 98 2.64 -5.56 -5.89
C VAL A 98 3.51 -6.41 -4.98
N VAL A 99 3.33 -6.29 -3.68
CA VAL A 99 4.02 -7.19 -2.80
C VAL A 99 3.73 -8.62 -3.31
N LEU A 100 2.47 -8.89 -3.63
CA LEU A 100 2.07 -10.26 -4.01
C LEU A 100 2.86 -10.73 -5.21
N GLU A 101 2.86 -9.94 -6.27
CA GLU A 101 3.64 -10.29 -7.44
C GLU A 101 5.12 -10.52 -7.09
N ALA A 102 5.78 -9.54 -6.48
CA ALA A 102 7.19 -9.67 -6.09
C ALA A 102 7.53 -10.97 -5.34
N ARG A 104 5.85 -13.74 -4.89
CA ARG A 104 5.51 -14.85 -5.76
C ARG A 104 6.68 -15.21 -6.67
N LYS A 105 7.11 -14.25 -7.49
CA LYS A 105 8.15 -14.50 -8.48
C LYS A 105 9.51 -14.76 -7.83
N ALA A 106 9.76 -14.10 -6.70
CA ALA A 106 11.07 -14.22 -6.05
C ALA A 106 11.24 -15.65 -5.58
N SER A 107 10.13 -16.18 -5.07
CA SER A 107 10.19 -17.51 -4.47
C SER A 107 10.14 -18.66 -5.53
N LEU A 108 9.80 -18.30 -6.76
CA LEU A 108 10.08 -19.17 -7.94
C LEU A 108 11.53 -19.07 -8.42
N GLY A 109 12.29 -18.15 -7.85
CA GLY A 109 13.72 -18.02 -8.19
C GLY A 109 14.06 -17.07 -9.32
N ARG A 110 13.19 -16.10 -9.59
CA ARG A 110 13.39 -15.20 -10.75
C ARG A 110 14.48 -14.19 -10.46
N GLY A 111 15.11 -13.64 -11.49
CA GLY A 111 16.10 -12.56 -11.35
C GLY A 111 15.51 -11.26 -10.80
N LEU A 112 16.38 -10.47 -10.15
CA LEU A 112 16.04 -9.15 -9.66
C LEU A 112 15.48 -8.26 -10.77
N GLU A 113 16.15 -8.21 -11.93
CA GLU A 113 15.65 -7.45 -13.07
C GLU A 113 14.27 -7.91 -13.46
N ASP A 114 14.12 -9.23 -13.59
CA ASP A 114 12.87 -9.87 -13.94
C ASP A 114 11.70 -9.54 -13.00
N ILE A 115 11.90 -9.66 -11.69
CA ILE A 115 10.84 -9.34 -10.71
C ILE A 115 10.56 -7.85 -10.62
N TYR A 116 11.59 -7.02 -10.79
CA TYR A 116 11.40 -5.58 -10.76
C TYR A 116 10.42 -5.22 -11.86
N GLN A 117 10.80 -5.55 -13.07
CA GLN A 117 10.00 -5.35 -14.25
C GLN A 117 8.58 -5.86 -14.11
N SER A 118 8.42 -7.09 -13.65
CA SER A 118 7.09 -7.62 -13.36
C SER A 118 6.23 -6.58 -12.69
N CYS A 119 6.70 -6.04 -11.57
CA CYS A 119 6.03 -4.98 -10.81
C CYS A 119 5.72 -3.72 -11.60
N GLU A 120 6.72 -3.15 -12.26
CA GLU A 120 6.51 -1.87 -12.90
C GLU A 120 5.34 -2.04 -13.85
N GLN A 121 5.23 -3.25 -14.38
CA GLN A 121 4.13 -3.67 -15.27
C GLN A 121 2.78 -3.65 -14.55
N LEU A 122 2.71 -4.12 -13.32
CA LEU A 122 1.40 -4.03 -12.63
C LEU A 122 0.81 -2.63 -12.72
N PHE A 123 1.68 -1.61 -12.75
CA PHE A 123 1.30 -0.19 -12.90
C PHE A 123 0.90 0.16 -14.33
N GLU A 124 1.73 -0.23 -15.27
CA GLU A 124 1.51 -0.02 -16.70
C GLU A 124 0.16 -0.57 -17.18
N ASN A 125 -0.26 -1.64 -16.53
CA ASN A 125 -1.51 -2.34 -16.82
C ASN A 125 -2.68 -1.71 -16.12
N LYS A 126 -2.65 -1.79 -14.78
CA LYS A 126 -3.78 -1.47 -13.90
C LYS A 126 -5.14 -1.77 -14.53
N ASN B 2 -18.73 17.07 9.91
CA ASN B 2 -18.21 18.23 9.11
C ASN B 2 -18.28 18.16 7.53
N ALA B 3 -19.10 17.28 6.98
CA ALA B 3 -19.61 17.42 5.59
C ALA B 3 -18.58 17.45 4.43
N GLN B 4 -17.55 16.63 4.51
CA GLN B 4 -16.66 16.49 3.33
C GLN B 4 -16.84 15.14 2.61
N VAL B 5 -16.08 14.97 1.54
CA VAL B 5 -15.99 13.72 0.83
C VAL B 5 -15.41 12.74 1.82
N GLU B 6 -16.05 11.60 2.00
CA GLU B 6 -15.58 10.61 2.93
C GLU B 6 -14.61 9.66 2.25
N VAL B 7 -13.46 9.45 2.89
CA VAL B 7 -12.38 8.63 2.38
C VAL B 7 -12.34 7.36 3.19
N ILE B 8 -12.64 6.25 2.53
CA ILE B 8 -12.58 4.95 3.16
C ILE B 8 -11.49 4.09 2.53
N VAL B 9 -10.50 3.70 3.36
CA VAL B 9 -9.36 2.89 2.85
C VAL B 9 -9.65 1.40 3.09
N HIS B 12 -6.64 -5.64 2.22
CA HIS B 12 -6.40 -7.00 2.73
C HIS B 12 -5.42 -6.96 3.87
N GLY B 13 -5.60 -7.86 4.82
CA GLY B 13 -4.61 -7.97 5.88
C GLY B 13 -5.21 -7.50 7.20
N ARG B 14 -4.47 -7.71 8.28
CA ARG B 14 -4.95 -7.37 9.61
C ARG B 14 -5.02 -5.87 9.94
N SER B 15 -4.20 -5.06 9.28
CA SER B 15 -4.05 -3.68 9.64
C SER B 15 -3.35 -2.83 8.58
N THR B 16 -3.31 -3.27 7.33
CA THR B 16 -2.73 -2.44 6.29
C THR B 16 -3.51 -1.12 6.23
N ALA B 17 -4.85 -1.21 6.13
CA ALA B 17 -5.66 -0.01 6.05
C ALA B 17 -5.53 0.87 7.27
N THR B 18 -5.73 0.31 8.45
CA THR B 18 -5.58 1.04 9.68
C THR B 18 -4.24 1.74 9.76
N SER B 19 -3.15 1.00 9.67
CA SER B 19 -1.86 1.63 9.69
C SER B 19 -1.69 2.76 8.66
N VAL B 21 -4.15 4.74 7.28
CA VAL B 21 -5.00 5.85 7.68
C VAL B 21 -4.35 6.59 8.84
N GLU B 22 -3.87 5.84 9.82
CA GLU B 22 -3.32 6.45 11.04
C GLU B 22 -2.03 7.24 10.81
N THR B 23 -1.19 6.80 9.85
CA THR B 23 0.02 7.53 9.54
C THR B 23 -0.35 8.89 8.98
N VAL B 24 -1.35 8.87 8.11
CA VAL B 24 -1.74 10.05 7.37
C VAL B 24 -2.45 11.02 8.33
N GLN B 25 -3.22 10.47 9.27
CA GLN B 25 -3.91 11.30 10.23
C GLN B 25 -2.91 12.02 11.09
N GLU B 26 -1.88 11.29 11.50
CA GLU B 26 -0.86 11.89 12.31
C GLU B 26 0.00 12.86 11.50
N LEU B 27 0.27 12.56 10.24
CA LEU B 27 0.98 13.51 9.36
C LEU B 27 0.24 14.83 9.19
N LEU B 28 -1.07 14.79 9.02
CA LEU B 28 -1.82 16.03 8.80
C LEU B 28 -2.54 16.55 10.05
N SER B 29 -2.40 15.89 11.20
CA SER B 29 -3.23 16.19 12.40
C SER B 29 -4.72 16.43 12.11
N ILE B 30 -5.31 15.49 11.37
CA ILE B 30 -6.75 15.45 11.09
C ILE B 30 -7.34 14.16 11.67
N GLU B 31 -8.66 14.10 11.83
CA GLU B 31 -9.25 12.95 12.53
C GLU B 31 -10.21 12.14 11.66
N SER B 32 -10.26 12.52 10.40
CA SER B 32 -11.17 11.98 9.44
C SER B 32 -10.45 10.81 8.78
N GLY B 33 -11.12 10.19 7.79
CA GLY B 33 -10.60 9.00 7.14
C GLY B 33 -11.02 7.76 7.90
N ILE B 34 -11.44 6.72 7.20
CA ILE B 34 -11.94 5.55 7.92
C ILE B 34 -11.22 4.33 7.38
N ALA B 35 -10.69 3.51 8.29
CA ALA B 35 -10.02 2.30 7.90
C ALA B 35 -10.87 1.03 7.94
N LEU B 36 -10.95 0.30 6.81
CA LEU B 36 -11.51 -1.09 6.96
C LEU B 36 -10.53 -2.18 6.56
N ASP B 37 -10.17 -3.04 7.53
CA ASP B 37 -9.23 -4.10 7.24
C ASP B 37 -9.95 -5.40 6.93
N PRO B 39 -8.89 -9.06 7.06
CA PRO B 39 -8.04 -10.20 7.27
C PRO B 39 -8.65 -11.44 6.57
N LEU B 40 -7.89 -12.53 6.57
CA LEU B 40 -8.33 -13.81 5.99
C LEU B 40 -9.50 -14.44 6.76
N THR B 41 -9.63 -14.09 8.04
CA THR B 41 -10.78 -14.52 8.84
C THR B 41 -12.11 -13.75 8.52
N VAL B 42 -12.10 -12.76 7.65
CA VAL B 42 -13.35 -12.08 7.23
C VAL B 42 -13.67 -12.39 5.76
N GLU B 43 -14.89 -12.83 5.53
CA GLU B 43 -15.43 -13.11 4.22
C GLU B 43 -15.80 -11.85 3.48
N VAL B 44 -15.68 -11.91 2.16
CA VAL B 44 -16.00 -10.82 1.23
C VAL B 44 -17.38 -10.21 1.53
N LYS B 45 -18.39 -11.05 1.66
CA LYS B 45 -19.73 -10.62 1.95
C LYS B 45 -19.84 -9.88 3.31
N ALA B 46 -19.10 -10.34 4.31
CA ALA B 46 -19.13 -9.66 5.60
C ALA B 46 -18.45 -8.29 5.45
N TYR B 48 -18.42 -6.43 2.75
CA TYR B 48 -19.25 -5.48 2.02
C TYR B 48 -20.36 -4.99 2.92
N GLU B 49 -20.94 -5.90 3.68
CA GLU B 49 -21.91 -5.51 4.73
C GLU B 49 -21.39 -4.39 5.58
N LYS B 50 -20.16 -4.48 6.01
CA LYS B 50 -19.78 -3.58 7.08
C LYS B 50 -19.36 -2.23 6.45
N LEU B 51 -18.98 -2.30 5.19
CA LEU B 51 -18.68 -1.11 4.44
C LEU B 51 -20.02 -0.37 4.35
N LYS B 52 -21.00 -1.03 3.76
CA LYS B 52 -22.34 -0.55 3.66
C LYS B 52 -22.80 0.09 4.98
N GLN B 53 -22.68 -0.61 6.12
CA GLN B 53 -23.18 -0.08 7.41
C GLN B 53 -22.32 1.14 7.83
N THR B 54 -21.01 1.02 7.73
CA THR B 54 -20.11 2.20 7.92
C THR B 54 -20.57 3.44 7.08
N VAL B 55 -20.91 3.20 5.82
CA VAL B 55 -21.20 4.38 4.97
C VAL B 55 -22.54 5.01 5.29
N VAL B 56 -23.54 4.18 5.41
CA VAL B 56 -24.83 4.70 5.81
C VAL B 56 -24.65 5.58 7.03
N LYS B 57 -23.97 5.07 8.07
CA LYS B 57 -23.78 5.85 9.30
C LYS B 57 -22.98 7.13 9.12
N LEU B 58 -22.03 7.19 8.17
CA LEU B 58 -21.21 8.39 8.08
C LEU B 58 -22.02 9.54 7.54
N ASN B 59 -23.11 9.22 6.86
CA ASN B 59 -23.99 10.23 6.33
C ASN B 59 -23.30 11.14 5.30
N PRO B 60 -22.60 10.55 4.30
CA PRO B 60 -21.85 11.40 3.34
C PRO B 60 -22.73 12.30 2.50
N VAL B 61 -22.52 13.62 2.59
CA VAL B 61 -23.30 14.56 1.76
C VAL B 61 -22.67 14.92 0.41
N LYS B 62 -21.43 14.52 0.17
CA LYS B 62 -20.68 14.86 -1.08
C LYS B 62 -20.06 13.59 -1.71
N GLY B 63 -20.62 12.40 -1.56
CA GLY B 63 -19.96 11.20 -2.12
C GLY B 63 -18.87 10.61 -1.23
N VAL B 64 -18.48 9.39 -1.58
CA VAL B 64 -17.55 8.61 -0.81
C VAL B 64 -16.43 8.11 -1.71
N LEU B 65 -15.18 8.22 -1.27
CA LEU B 65 -14.08 7.73 -2.10
C LEU B 65 -13.46 6.56 -1.42
N ILE B 66 -13.57 5.42 -2.09
CA ILE B 66 -13.03 4.18 -1.55
C ILE B 66 -11.60 3.95 -2.18
N LEU B 67 -10.61 3.77 -1.29
CA LEU B 67 -9.23 3.40 -1.62
C LEU B 67 -8.93 1.95 -1.22
N SER B 68 -8.63 1.16 -2.21
CA SER B 68 -8.56 -0.30 -2.06
C SER B 68 -7.31 -0.85 -2.79
N ASP B 69 -6.92 -2.07 -2.45
CA ASP B 69 -5.73 -2.65 -3.07
C ASP B 69 -6.05 -3.48 -4.33
N GLY B 71 -8.65 -7.33 -5.71
CA GLY B 71 -9.73 -8.29 -5.49
C GLY B 71 -11.12 -7.68 -5.45
N SER B 72 -12.06 -8.36 -4.82
CA SER B 72 -13.44 -7.92 -4.87
C SER B 72 -13.65 -6.54 -4.29
N LEU B 73 -12.73 -6.09 -3.46
CA LEU B 73 -12.84 -4.79 -2.77
C LEU B 73 -12.87 -3.70 -3.81
N THR B 74 -12.17 -3.92 -4.90
CA THR B 74 -12.22 -3.02 -6.02
C THR B 74 -13.61 -2.79 -6.57
N SER B 75 -14.55 -3.70 -6.43
CA SER B 75 -15.88 -3.38 -6.97
C SER B 75 -16.93 -3.01 -5.95
N PHE B 76 -16.64 -3.13 -4.67
CA PHE B 76 -17.61 -2.74 -3.64
C PHE B 76 -18.22 -1.35 -4.03
N GLY B 77 -17.37 -0.42 -4.47
CA GLY B 77 -17.83 0.90 -4.87
C GLY B 77 -19.02 0.88 -5.81
N ASN B 78 -18.89 0.19 -6.95
CA ASN B 78 -20.03 0.07 -7.89
C ASN B 78 -21.28 -0.52 -7.31
N ILE B 79 -21.10 -1.59 -6.53
CA ILE B 79 -22.21 -2.31 -5.91
C ILE B 79 -22.98 -1.44 -4.92
N LEU B 80 -22.24 -0.75 -4.06
CA LEU B 80 -22.81 0.12 -3.03
C LEU B 80 -23.66 1.25 -3.64
N THR B 81 -23.13 1.90 -4.67
CA THR B 81 -23.83 2.91 -5.44
C THR B 81 -25.14 2.38 -6.07
N GLU B 82 -25.04 1.28 -6.81
CA GLU B 82 -26.19 0.56 -7.36
C GLU B 82 -27.20 0.30 -6.24
N GLU B 83 -26.72 -0.29 -5.16
CA GLU B 83 -27.60 -0.68 -4.06
C GLU B 83 -28.22 0.50 -3.32
N LEU B 84 -27.50 1.59 -3.09
CA LEU B 84 -28.15 2.67 -2.35
C LEU B 84 -28.10 4.09 -2.90
N GLY B 85 -27.56 4.24 -4.09
CA GLY B 85 -27.63 5.50 -4.80
C GLY B 85 -26.75 6.56 -4.19
N ILE B 86 -25.61 6.13 -3.71
CA ILE B 86 -24.66 7.03 -3.13
C ILE B 86 -23.47 7.04 -4.06
N ARG B 87 -22.99 8.22 -4.34
CA ARG B 87 -21.97 8.38 -5.35
C ARG B 87 -20.58 7.97 -4.76
N THR B 88 -19.90 7.02 -5.38
CA THR B 88 -18.61 6.56 -4.89
C THR B 88 -17.65 6.60 -6.04
N LYS B 89 -16.36 6.73 -5.77
CA LYS B 89 -15.39 6.34 -6.83
C LYS B 89 -14.37 5.48 -6.18
N THR B 90 -13.70 4.65 -7.00
CA THR B 90 -12.75 3.67 -6.45
C THR B 90 -11.39 3.82 -7.03
N VAL B 91 -10.40 3.95 -6.17
CA VAL B 91 -9.03 3.74 -6.56
C VAL B 91 -8.54 2.39 -6.04
N THR B 92 -7.75 1.73 -6.85
CA THR B 92 -7.27 0.36 -6.76
C THR B 92 -5.76 0.48 -6.60
N VAL B 94 -4.00 1.09 -4.03
CA VAL B 94 -3.71 2.21 -3.13
C VAL B 94 -2.46 2.02 -2.27
N SER B 95 -1.73 3.11 -2.14
CA SER B 95 -0.44 3.16 -1.52
C SER B 95 -0.50 4.35 -0.61
N THR B 96 0.35 4.42 0.41
CA THR B 96 0.32 5.54 1.38
C THR B 96 0.27 6.94 0.71
N PRO B 97 1.13 7.20 -0.30
CA PRO B 97 1.04 8.54 -0.90
C PRO B 97 -0.42 8.91 -1.38
N VAL B 98 -1.19 7.96 -1.91
CA VAL B 98 -2.52 8.29 -2.38
C VAL B 98 -3.49 8.43 -1.20
N VAL B 99 -3.33 7.63 -0.17
CA VAL B 99 -4.17 7.87 0.98
C VAL B 99 -3.92 9.31 1.48
N LEU B 100 -2.64 9.71 1.38
CA LEU B 100 -2.18 11.01 1.85
C LEU B 100 -2.81 12.12 1.03
N GLU B 101 -2.54 12.14 -0.28
CA GLU B 101 -3.24 13.06 -1.17
C GLU B 101 -4.78 13.01 -0.96
N ALA B 102 -5.38 11.85 -1.09
CA ALA B 102 -6.82 11.71 -0.82
C ALA B 102 -7.35 12.38 0.48
N ARG B 104 -5.86 14.62 2.36
CA ARG B 104 -5.45 16.00 2.39
C ARG B 104 -6.48 16.82 1.67
N LYS B 105 -6.75 16.47 0.41
CA LYS B 105 -7.69 17.24 -0.40
C LYS B 105 -9.10 17.19 0.21
N ALA B 106 -9.43 16.07 0.82
CA ALA B 106 -10.77 15.89 1.36
C ALA B 106 -10.98 16.83 2.55
N SER B 107 -9.93 16.93 3.35
CA SER B 107 -9.79 17.88 4.42
C SER B 107 -9.95 19.31 3.99
N LEU B 108 -9.46 19.63 2.80
CA LEU B 108 -9.61 20.96 2.22
C LEU B 108 -11.03 21.23 1.73
N GLY B 109 -11.88 20.20 1.74
CA GLY B 109 -13.24 20.32 1.25
C GLY B 109 -13.37 20.27 -0.27
N ARG B 110 -12.41 19.66 -0.97
CA ARG B 110 -12.53 19.46 -2.41
C ARG B 110 -13.57 18.37 -2.71
N GLY B 111 -14.20 18.43 -3.90
CA GLY B 111 -15.14 17.41 -4.34
C GLY B 111 -14.54 16.06 -4.75
N LEU B 112 -15.37 15.01 -4.70
CA LEU B 112 -15.02 13.66 -5.16
C LEU B 112 -14.24 13.64 -6.50
N GLU B 113 -14.84 14.21 -7.53
CA GLU B 113 -14.24 14.16 -8.84
C GLU B 113 -12.79 14.63 -8.83
N ASP B 114 -12.58 15.84 -8.32
CA ASP B 114 -11.24 16.41 -8.19
C ASP B 114 -10.29 15.57 -7.28
N ILE B 115 -10.78 14.99 -6.17
CA ILE B 115 -9.85 14.21 -5.41
C ILE B 115 -9.48 12.96 -6.21
N TYR B 116 -10.48 12.34 -6.81
CA TYR B 116 -10.29 11.10 -7.49
C TYR B 116 -9.24 11.26 -8.58
N GLN B 117 -9.35 12.31 -9.41
CA GLN B 117 -8.41 12.55 -10.43
C GLN B 117 -7.07 12.91 -9.84
N SER B 118 -7.08 13.40 -8.60
CA SER B 118 -5.81 13.75 -7.97
C SER B 118 -4.99 12.52 -7.69
N CYS B 119 -5.65 11.53 -7.07
CA CYS B 119 -5.08 10.20 -6.86
C CYS B 119 -4.76 9.51 -8.15
N GLU B 120 -5.69 9.51 -9.09
CA GLU B 120 -5.36 8.92 -10.38
C GLU B 120 -4.07 9.52 -10.90
N GLN B 121 -3.95 10.85 -10.84
CA GLN B 121 -2.73 11.51 -11.41
C GLN B 121 -1.45 11.04 -10.73
N LEU B 122 -1.49 10.52 -9.49
CA LEU B 122 -0.18 10.04 -8.94
C LEU B 122 0.42 8.89 -9.77
N PHE B 123 -0.38 7.89 -10.12
CA PHE B 123 0.07 6.77 -10.93
C PHE B 123 0.54 7.30 -12.26
N GLU B 124 -0.20 8.24 -12.85
CA GLU B 124 0.27 8.84 -14.12
C GLU B 124 1.64 9.44 -13.96
N ASN B 125 1.82 10.27 -12.93
CA ASN B 125 3.10 10.98 -12.67
C ASN B 125 4.20 10.06 -12.16
N LYS B 126 3.83 8.91 -11.59
CA LYS B 126 4.80 7.84 -11.44
C LYS B 126 5.32 7.52 -12.86
N TYR B 127 4.44 6.95 -13.69
CA TYR B 127 4.68 6.74 -15.14
C TYR B 127 5.24 8.00 -15.85
#